data_7N0K
#
_entry.id   7N0K
#
_cell.length_a   1.00
_cell.length_b   1.00
_cell.length_c   1.00
_cell.angle_alpha   90.00
_cell.angle_beta   90.00
_cell.angle_gamma   90.00
#
_symmetry.space_group_name_H-M   'P 1'
#
_entity_poly.entity_id   1
_entity_poly.type   'polypeptide(L)'
_entity_poly.pdbx_seq_one_letter_code
;MQSPPPDPLGDCLRNWEDLQQDFQGIQETHRLYRLKLEELTKLQANCTNSITRQKKRLQELALVLKKCRPSLPSESMEAA
QELENQMKERQGLFFDMEAYLPKKNGLYLSLVLGNVNVTLLSKQAKFAYKDEYEKFKLYLTIILIVISFTCRFLLNSRVT
DAAFNFLLVWYYCTLTIRESILINNGSRIKGWWVFHHYVSTFLSGVMLTWPDGLMYQKFRNQFLSFSMYQSFVQFLQYYY
QSGCLYRLRALGERHTMDLTVEGFQSWMWRGLTFLLPFLFFGHFWQLFNALTLFNLARDPECKEWQVLMCGFPFLLLFLG
NFFTTLRVVHQKFHSQQHGNKKD
;
_entity_poly.pdbx_strand_id   B,A
#
# COMPACT_ATOMS: atom_id res chain seq x y z
N LEU A 9 -35.88 1.04 -35.37
CA LEU A 9 -34.88 0.15 -35.96
C LEU A 9 -34.07 0.86 -37.04
N GLY A 10 -34.74 1.74 -37.79
CA GLY A 10 -34.07 2.42 -38.89
C GLY A 10 -32.80 3.13 -38.45
N ASP A 11 -32.86 3.86 -37.34
CA ASP A 11 -31.65 4.43 -36.77
C ASP A 11 -30.82 3.35 -36.09
N CYS A 12 -31.48 2.38 -35.44
CA CYS A 12 -30.78 1.32 -34.73
C CYS A 12 -29.95 0.47 -35.67
N LEU A 13 -30.39 0.32 -36.92
CA LEU A 13 -29.60 -0.44 -37.88
C LEU A 13 -28.50 0.42 -38.49
N ARG A 14 -28.77 1.71 -38.69
CA ARG A 14 -27.83 2.56 -39.40
C ARG A 14 -26.54 2.74 -38.61
N ASN A 15 -26.65 2.99 -37.29
CA ASN A 15 -25.47 3.30 -36.49
C ASN A 15 -24.48 2.15 -36.46
N TRP A 16 -24.97 0.91 -36.53
CA TRP A 16 -24.09 -0.23 -36.37
C TRP A 16 -23.09 -0.36 -37.51
N GLU A 17 -23.55 -0.15 -38.75
CA GLU A 17 -22.70 -0.42 -39.90
C GLU A 17 -21.51 0.53 -39.96
N ASP A 18 -21.73 1.82 -39.67
CA ASP A 18 -20.59 2.74 -39.62
C ASP A 18 -19.78 2.54 -38.35
N LEU A 19 -20.45 2.27 -37.22
CA LEU A 19 -19.72 1.99 -35.99
C LEU A 19 -18.87 0.73 -36.14
N GLN A 20 -19.34 -0.23 -36.93
CA GLN A 20 -18.56 -1.43 -37.20
C GLN A 20 -17.28 -1.08 -37.96
N GLN A 21 -17.37 -0.15 -38.91
CA GLN A 21 -16.20 0.28 -39.67
C GLN A 21 -15.12 0.82 -38.75
N ASP A 22 -15.48 1.72 -37.84
CA ASP A 22 -14.49 2.29 -36.92
C ASP A 22 -14.01 1.26 -35.91
N PHE A 23 -14.89 0.33 -35.51
CA PHE A 23 -14.48 -0.71 -34.58
C PHE A 23 -13.42 -1.61 -35.20
N GLN A 24 -13.49 -1.83 -36.51
CA GLN A 24 -12.54 -2.72 -37.17
C GLN A 24 -11.11 -2.25 -37.00
N GLY A 25 -10.86 -0.97 -37.29
CA GLY A 25 -9.51 -0.44 -37.14
C GLY A 25 -9.02 -0.52 -35.70
N ILE A 26 -9.91 -0.25 -34.75
CA ILE A 26 -9.51 -0.32 -33.34
C ILE A 26 -9.15 -1.74 -32.95
N GLN A 27 -9.83 -2.73 -33.55
CA GLN A 27 -9.50 -4.12 -33.27
C GLN A 27 -8.11 -4.47 -33.75
N GLU A 28 -7.72 -3.96 -34.93
CA GLU A 28 -6.42 -4.31 -35.49
C GLU A 28 -5.29 -3.57 -34.77
N THR A 29 -5.53 -2.33 -34.35
CA THR A 29 -4.51 -1.57 -33.63
C THR A 29 -4.13 -2.28 -32.34
N HIS A 30 -5.12 -2.77 -31.59
CA HIS A 30 -4.83 -3.51 -30.37
C HIS A 30 -4.07 -4.79 -30.68
N ARG A 31 -4.20 -5.31 -31.90
CA ARG A 31 -3.48 -6.53 -32.26
C ARG A 31 -1.98 -6.26 -32.36
N LEU A 32 -1.60 -5.11 -32.91
CA LEU A 32 -0.18 -4.75 -32.96
C LEU A 32 0.36 -4.43 -31.59
N TYR A 33 -0.43 -3.73 -30.77
CA TYR A 33 0.01 -3.34 -29.44
C TYR A 33 0.34 -4.56 -28.58
N ARG A 34 -0.38 -5.67 -28.79
CA ARG A 34 -0.07 -6.89 -28.06
C ARG A 34 1.29 -7.44 -28.45
N LEU A 35 1.70 -7.22 -29.70
CA LEU A 35 3.00 -7.71 -30.15
C LEU A 35 4.13 -6.91 -29.51
N LYS A 36 4.09 -5.59 -29.63
CA LYS A 36 5.17 -4.77 -29.08
C LYS A 36 5.14 -4.74 -27.56
N LEU A 37 4.05 -5.22 -26.96
CA LEU A 37 4.05 -5.40 -25.51
C LEU A 37 4.94 -6.56 -25.11
N GLU A 38 4.81 -7.69 -25.80
CA GLU A 38 5.61 -8.87 -25.46
C GLU A 38 7.06 -8.70 -25.88
N GLU A 39 7.29 -8.13 -27.07
CA GLU A 39 8.66 -7.92 -27.52
C GLU A 39 9.41 -6.97 -26.60
N LEU A 40 8.70 -6.06 -25.95
CA LEU A 40 9.36 -5.18 -24.99
C LEU A 40 9.68 -5.91 -23.69
N THR A 41 8.86 -6.88 -23.31
CA THR A 41 9.15 -7.67 -22.10
C THR A 41 10.41 -8.50 -22.29
N LYS A 42 10.58 -9.09 -23.48
CA LYS A 42 11.81 -9.80 -23.78
C LYS A 42 13.00 -8.85 -23.78
N LEU A 43 12.82 -7.66 -24.34
CA LEU A 43 13.88 -6.65 -24.28
C LEU A 43 14.16 -6.24 -22.84
N GLN A 44 13.11 -6.18 -22.01
CA GLN A 44 13.31 -5.93 -20.59
C GLN A 44 14.07 -7.08 -19.94
N ALA A 45 13.77 -8.31 -20.35
CA ALA A 45 14.43 -9.46 -19.75
C ALA A 45 15.91 -9.49 -20.08
N ASN A 46 16.26 -9.39 -21.37
CA ASN A 46 17.66 -9.48 -21.76
C ASN A 46 18.48 -8.34 -21.19
N CYS A 47 17.97 -7.11 -21.32
CA CYS A 47 18.72 -5.95 -20.84
C CYS A 47 18.92 -6.00 -19.33
N THR A 48 17.91 -6.46 -18.59
CA THR A 48 18.04 -6.56 -17.14
C THR A 48 19.07 -7.61 -16.76
N ASN A 49 19.06 -8.75 -17.46
CA ASN A 49 20.02 -9.82 -17.16
C ASN A 49 21.43 -9.41 -17.54
N SER A 50 21.57 -8.66 -18.63
CA SER A 50 22.90 -8.28 -19.12
C SER A 50 23.61 -7.39 -18.12
N ILE A 51 22.91 -6.38 -17.58
CA ILE A 51 23.57 -5.43 -16.69
C ILE A 51 23.91 -6.09 -15.36
N THR A 52 22.97 -6.85 -14.79
CA THR A 52 23.22 -7.48 -13.49
C THR A 52 24.35 -8.51 -13.60
N ARG A 53 24.52 -9.10 -14.78
CA ARG A 53 25.64 -10.01 -15.00
C ARG A 53 26.96 -9.24 -15.02
N GLN A 54 27.02 -8.18 -15.83
CA GLN A 54 28.27 -7.42 -15.94
C GLN A 54 28.58 -6.67 -14.66
N LYS A 55 27.55 -6.24 -13.93
CA LYS A 55 27.77 -5.61 -12.63
C LYS A 55 28.45 -6.56 -11.67
N LYS A 56 28.07 -7.85 -11.73
CA LYS A 56 28.69 -8.85 -10.87
C LYS A 56 30.17 -9.01 -11.21
N ARG A 57 30.49 -9.14 -12.50
CA ARG A 57 31.88 -9.34 -12.90
C ARG A 57 32.76 -8.16 -12.48
N LEU A 58 32.31 -6.94 -12.77
CA LEU A 58 33.12 -5.77 -12.41
C LEU A 58 33.27 -5.66 -10.90
N GLN A 59 32.22 -6.00 -10.16
CA GLN A 59 32.33 -6.01 -8.70
C GLN A 59 33.38 -7.01 -8.24
N GLU A 60 33.45 -8.16 -8.92
CA GLU A 60 34.52 -9.12 -8.62
C GLU A 60 35.88 -8.54 -8.96
N LEU A 61 36.00 -7.89 -10.12
CA LEU A 61 37.26 -7.25 -10.47
C LEU A 61 37.50 -6.02 -9.59
N ALA A 62 36.44 -5.33 -9.20
CA ALA A 62 36.58 -4.29 -8.18
C ALA A 62 37.07 -4.90 -6.88
N LEU A 63 36.51 -6.05 -6.50
CA LEU A 63 37.06 -6.81 -5.38
C LEU A 63 38.50 -7.22 -5.67
N VAL A 64 38.77 -7.65 -6.91
CA VAL A 64 40.15 -7.96 -7.29
C VAL A 64 41.02 -6.72 -7.14
N LEU A 65 40.54 -5.58 -7.64
CA LEU A 65 41.26 -4.32 -7.41
C LEU A 65 41.36 -4.01 -5.92
N LYS A 66 40.29 -4.30 -5.18
CA LYS A 66 40.34 -4.10 -3.72
C LYS A 66 41.46 -4.91 -3.10
N LYS A 67 41.59 -6.19 -3.49
CA LYS A 67 42.70 -6.99 -2.99
C LYS A 67 44.01 -6.57 -3.64
N CYS A 68 43.96 -6.07 -4.88
CA CYS A 68 45.14 -5.59 -5.58
C CYS A 68 45.38 -4.11 -5.35
N ARG A 69 44.63 -3.47 -4.45
CA ARG A 69 44.95 -2.09 -4.08
C ARG A 69 46.28 -1.99 -3.34
N PRO A 70 46.62 -2.88 -2.39
CA PRO A 70 47.97 -2.84 -1.81
C PRO A 70 49.09 -3.16 -2.80
N SER A 71 48.77 -3.62 -4.00
CA SER A 71 49.80 -3.98 -4.97
C SER A 71 50.59 -2.76 -5.44
N LEU A 72 50.15 -1.56 -5.05
CA LEU A 72 50.82 -0.32 -5.44
C LEU A 72 52.28 -0.31 -4.98
N SER A 76 53.97 4.42 -9.96
CA SER A 76 53.55 3.44 -10.95
C SER A 76 52.16 2.92 -10.63
N MET A 77 51.41 3.66 -9.82
CA MET A 77 50.06 3.30 -9.42
C MET A 77 49.02 4.29 -9.95
N GLU A 78 49.43 5.24 -10.78
CA GLU A 78 48.52 6.30 -11.23
C GLU A 78 47.36 5.73 -12.03
N ALA A 79 47.60 4.64 -12.77
CA ALA A 79 46.50 4.00 -13.49
C ALA A 79 45.51 3.37 -12.52
N ALA A 80 46.00 2.79 -11.43
CA ALA A 80 45.13 2.15 -10.46
C ALA A 80 44.11 3.14 -9.89
N GLN A 81 44.55 4.35 -9.58
CA GLN A 81 43.61 5.39 -9.17
C GLN A 81 42.66 5.74 -10.31
N GLU A 82 43.17 5.80 -11.54
CA GLU A 82 42.33 6.15 -12.68
C GLU A 82 41.39 5.01 -13.05
N LEU A 83 41.89 3.76 -13.04
CA LEU A 83 41.00 2.63 -13.22
C LEU A 83 39.95 2.58 -12.12
N GLU A 84 40.32 2.96 -10.91
CA GLU A 84 39.33 3.09 -9.84
C GLU A 84 38.28 4.14 -10.22
N ASN A 85 38.73 5.28 -10.75
CA ASN A 85 37.78 6.24 -11.32
C ASN A 85 36.98 5.62 -12.45
N GLN A 86 37.65 4.85 -13.32
CA GLN A 86 36.94 4.13 -14.38
C GLN A 86 35.93 3.16 -13.78
N MET A 87 36.34 2.41 -12.76
CA MET A 87 35.39 1.58 -12.03
C MET A 87 34.30 2.42 -11.40
N LYS A 88 34.65 3.61 -10.90
CA LYS A 88 33.64 4.52 -10.36
C LYS A 88 32.69 4.99 -11.45
N GLU A 89 33.21 5.20 -12.66
CA GLU A 89 32.37 5.60 -13.78
C GLU A 89 31.44 4.48 -14.20
N ARG A 90 31.99 3.27 -14.38
CA ARG A 90 31.20 2.14 -14.85
C ARG A 90 30.06 1.81 -13.89
N GLN A 91 30.34 1.75 -12.59
CA GLN A 91 29.28 1.53 -11.62
C GLN A 91 28.27 2.66 -11.65
N GLY A 92 28.74 3.88 -11.94
CA GLY A 92 27.81 5.01 -12.02
C GLY A 92 26.85 4.90 -13.18
N LEU A 93 27.33 4.46 -14.34
CA LEU A 93 26.46 4.33 -15.50
C LEU A 93 25.42 3.23 -15.31
N PHE A 94 25.84 2.10 -14.73
CA PHE A 94 24.90 1.01 -14.51
C PHE A 94 23.82 1.38 -13.51
N PHE A 95 24.13 2.27 -12.57
CA PHE A 95 23.10 2.76 -11.66
C PHE A 95 22.13 3.68 -12.38
N ASP A 96 22.52 4.20 -13.55
CA ASP A 96 21.63 5.04 -14.32
C ASP A 96 20.63 4.20 -15.12
N MET A 97 21.13 3.25 -15.90
CA MET A 97 20.25 2.44 -16.75
C MET A 97 19.26 1.64 -15.93
N GLU A 98 19.70 1.03 -14.82
CA GLU A 98 18.82 0.15 -14.07
C GLU A 98 17.66 0.91 -13.46
N ALA A 99 17.80 2.24 -13.30
CA ALA A 99 16.66 3.04 -12.85
C ALA A 99 15.53 3.01 -13.87
N TYR A 100 15.86 2.80 -15.15
CA TYR A 100 14.84 2.75 -16.19
C TYR A 100 14.15 1.40 -16.21
N LEU A 101 14.94 0.32 -16.15
CA LEU A 101 14.38 -1.03 -16.18
C LEU A 101 13.59 -1.32 -14.92
N PRO A 102 12.58 -2.18 -15.01
CA PRO A 102 11.86 -2.59 -13.80
C PRO A 102 12.78 -3.27 -12.80
N LYS A 103 12.55 -3.01 -11.53
CA LYS A 103 13.35 -3.57 -10.45
C LYS A 103 12.44 -4.34 -9.51
N LYS A 104 12.97 -5.45 -8.99
CA LYS A 104 12.19 -6.28 -8.07
C LYS A 104 11.89 -5.50 -6.79
N ASN A 105 10.69 -5.76 -6.25
CA ASN A 105 10.27 -5.10 -5.02
C ASN A 105 11.22 -5.45 -3.87
N GLY A 106 11.24 -4.58 -2.88
CA GLY A 106 12.02 -4.81 -1.68
C GLY A 106 11.35 -5.84 -0.77
N LEU A 107 11.57 -5.66 0.53
CA LEU A 107 10.94 -6.54 1.51
C LEU A 107 9.57 -6.03 1.92
N TYR A 108 9.49 -4.76 2.35
CA TYR A 108 8.21 -4.23 2.82
C TYR A 108 7.18 -4.16 1.70
N LEU A 109 7.63 -3.98 0.46
CA LEU A 109 6.68 -3.94 -0.65
C LEU A 109 6.31 -5.34 -1.14
N SER A 110 6.85 -6.38 -0.49
CA SER A 110 6.36 -7.73 -0.78
C SER A 110 5.26 -8.12 0.19
N LEU A 111 5.31 -7.62 1.42
CA LEU A 111 4.21 -7.84 2.37
C LEU A 111 2.97 -7.08 1.94
N VAL A 112 3.09 -5.77 1.78
CA VAL A 112 2.00 -4.92 1.31
C VAL A 112 2.18 -4.73 -0.18
N LEU A 113 1.06 -4.60 -0.90
CA LEU A 113 1.05 -4.25 -2.32
C LEU A 113 1.50 -5.40 -3.21
N GLY A 114 2.08 -6.44 -2.63
CA GLY A 114 2.41 -7.63 -3.41
C GLY A 114 3.50 -7.39 -4.44
N ASN A 115 3.67 -8.38 -5.31
CA ASN A 115 4.75 -8.38 -6.30
C ASN A 115 4.29 -7.82 -7.64
N VAL A 116 4.03 -6.52 -7.65
CA VAL A 116 3.71 -5.78 -8.86
C VAL A 116 4.82 -4.78 -9.11
N ASN A 117 5.22 -4.65 -10.37
CA ASN A 117 6.26 -3.69 -10.73
C ASN A 117 5.74 -2.26 -10.55
N VAL A 118 6.32 -1.54 -9.60
CA VAL A 118 5.93 -0.16 -9.31
C VAL A 118 6.93 0.82 -9.90
N THR A 119 7.76 0.38 -10.83
CA THR A 119 8.78 1.22 -11.42
C THR A 119 8.18 2.09 -12.52
N LEU A 120 8.26 3.40 -12.34
CA LEU A 120 7.73 4.37 -13.28
C LEU A 120 8.85 4.75 -14.24
N LEU A 121 8.65 4.47 -15.53
CA LEU A 121 9.78 4.44 -16.47
C LEU A 121 10.31 5.84 -16.77
N SER A 122 9.48 6.72 -17.31
CA SER A 122 9.95 8.00 -17.81
C SER A 122 10.33 8.91 -16.64
N LYS A 123 11.28 9.83 -16.93
CA LYS A 123 11.68 10.80 -15.92
C LYS A 123 10.53 11.74 -15.57
N GLN A 124 9.64 11.98 -16.54
CA GLN A 124 8.43 12.75 -16.27
C GLN A 124 7.67 12.17 -15.09
N ALA A 125 7.49 10.85 -15.07
CA ALA A 125 6.77 10.22 -13.96
C ALA A 125 7.57 10.27 -12.67
N LYS A 126 8.88 9.98 -12.76
CA LYS A 126 9.73 10.00 -11.57
C LYS A 126 9.73 11.37 -10.92
N PHE A 127 9.51 12.42 -11.71
CA PHE A 127 9.38 13.77 -11.14
C PHE A 127 7.98 13.99 -10.59
N ALA A 128 6.95 13.69 -11.39
CA ALA A 128 5.58 14.00 -10.99
C ALA A 128 5.18 13.24 -9.73
N TYR A 129 5.77 12.07 -9.50
CA TYR A 129 5.44 11.32 -8.29
C TYR A 129 6.03 12.00 -7.06
N LYS A 130 7.24 12.55 -7.18
CA LYS A 130 7.89 13.17 -6.03
C LYS A 130 7.07 14.34 -5.50
N ASP A 131 6.47 15.11 -6.40
CA ASP A 131 5.64 16.24 -5.96
C ASP A 131 4.35 15.76 -5.34
N GLU A 132 3.72 14.72 -5.90
CA GLU A 132 2.52 14.17 -5.31
C GLU A 132 2.80 13.59 -3.93
N TYR A 133 4.05 13.21 -3.67
CA TYR A 133 4.42 12.77 -2.34
C TYR A 133 4.49 13.95 -1.38
N GLU A 134 5.07 15.06 -1.81
CA GLU A 134 5.08 16.27 -0.99
C GLU A 134 3.67 16.80 -0.77
N LYS A 135 2.89 16.92 -1.86
CA LYS A 135 1.54 17.45 -1.75
C LYS A 135 0.66 16.58 -0.87
N PHE A 136 1.09 15.35 -0.60
CA PHE A 136 0.37 14.54 0.38
C PHE A 136 0.83 14.84 1.80
N LYS A 137 2.12 15.11 1.97
CA LYS A 137 2.62 15.42 3.31
C LYS A 137 2.03 16.72 3.82
N LEU A 138 1.94 17.73 2.96
CA LEU A 138 1.35 19.00 3.36
C LEU A 138 -0.14 18.86 3.62
N TYR A 139 -0.89 18.38 2.63
CA TYR A 139 -2.34 18.30 2.73
C TYR A 139 -2.79 17.58 3.99
N LEU A 140 -2.07 16.53 4.39
CA LEU A 140 -2.47 15.80 5.59
C LEU A 140 -1.88 16.42 6.85
N THR A 141 -0.87 17.28 6.71
CA THR A 141 -0.29 17.92 7.89
C THR A 141 -1.24 18.93 8.50
N ILE A 142 -1.87 19.78 7.67
CA ILE A 142 -2.78 20.79 8.21
C ILE A 142 -3.96 20.13 8.89
N ILE A 143 -4.35 18.93 8.44
CA ILE A 143 -5.42 18.21 9.12
C ILE A 143 -4.96 17.75 10.50
N LEU A 144 -3.67 17.46 10.63
CA LEU A 144 -3.12 17.14 11.95
C LEU A 144 -3.11 18.36 12.86
N ILE A 145 -2.73 19.53 12.32
CA ILE A 145 -2.68 20.74 13.13
C ILE A 145 -4.07 21.11 13.63
N VAL A 146 -5.08 21.02 12.76
CA VAL A 146 -6.43 21.39 13.14
C VAL A 146 -6.93 20.49 14.26
N ILE A 147 -6.72 19.18 14.12
CA ILE A 147 -7.21 18.24 15.13
C ILE A 147 -6.40 18.35 16.41
N SER A 148 -5.07 18.44 16.29
CA SER A 148 -4.23 18.54 17.48
C SER A 148 -4.44 19.86 18.20
N PHE A 149 -4.73 20.93 17.45
CA PHE A 149 -5.07 22.20 18.08
C PHE A 149 -6.36 22.09 18.88
N THR A 150 -7.34 21.36 18.35
CA THR A 150 -8.60 21.18 19.07
C THR A 150 -8.40 20.35 20.33
N CYS A 151 -7.60 19.28 20.24
CA CYS A 151 -7.45 18.36 21.37
C CYS A 151 -6.72 19.02 22.53
N ARG A 152 -5.96 20.07 22.28
CA ARG A 152 -5.21 20.74 23.33
C ARG A 152 -5.98 21.89 23.96
N PHE A 153 -6.77 22.62 23.19
CA PHE A 153 -7.42 23.83 23.71
C PHE A 153 -8.93 23.65 23.83
N LEU A 154 -9.58 23.16 22.77
CA LEU A 154 -11.04 23.19 22.73
C LEU A 154 -11.64 22.07 23.58
N LEU A 155 -11.33 20.82 23.25
CA LEU A 155 -11.99 19.68 23.86
C LEU A 155 -10.97 18.69 24.37
N ASN A 156 -11.15 18.23 25.61
CA ASN A 156 -10.25 17.27 26.24
C ASN A 156 -11.03 16.02 26.59
N SER A 157 -10.77 14.93 25.88
CA SER A 157 -11.47 13.68 26.13
C SER A 157 -10.63 12.54 25.55
N ARG A 158 -10.85 11.34 26.09
CA ARG A 158 -10.10 10.18 25.64
C ARG A 158 -10.54 9.74 24.25
N VAL A 159 -11.79 10.02 23.88
CA VAL A 159 -12.29 9.60 22.57
C VAL A 159 -11.65 10.43 21.47
N THR A 160 -11.59 11.76 21.64
CA THR A 160 -11.02 12.60 20.60
C THR A 160 -9.51 12.42 20.49
N ASP A 161 -8.83 12.20 21.62
CA ASP A 161 -7.40 11.93 21.57
C ASP A 161 -7.11 10.59 20.89
N ALA A 162 -8.04 9.65 21.01
CA ALA A 162 -7.91 8.39 20.28
C ALA A 162 -8.13 8.60 18.78
N ALA A 163 -9.02 9.52 18.42
CA ALA A 163 -9.25 9.81 17.01
C ALA A 163 -8.03 10.48 16.38
N PHE A 164 -7.39 11.39 17.11
CA PHE A 164 -6.17 12.02 16.60
C PHE A 164 -5.03 11.02 16.56
N ASN A 165 -4.96 10.12 17.54
CA ASN A 165 -3.86 9.16 17.58
C ASN A 165 -3.99 8.12 16.48
N PHE A 166 -5.22 7.68 16.19
CA PHE A 166 -5.41 6.74 15.10
C PHE A 166 -5.06 7.37 13.75
N LEU A 167 -5.32 8.67 13.61
CA LEU A 167 -4.91 9.37 12.39
C LEU A 167 -3.40 9.36 12.24
N LEU A 168 -2.67 9.49 13.35
CA LEU A 168 -1.21 9.50 13.29
C LEU A 168 -0.67 8.13 12.88
N VAL A 169 -1.22 7.05 13.46
CA VAL A 169 -0.78 5.72 13.12
C VAL A 169 -1.02 5.43 11.64
N TRP A 170 -2.10 5.98 11.09
CA TRP A 170 -2.36 5.81 9.66
C TRP A 170 -1.46 6.72 8.82
N TYR A 171 -1.24 7.95 9.28
CA TYR A 171 -0.44 8.89 8.50
C TYR A 171 1.00 8.40 8.36
N TYR A 172 1.53 7.78 9.40
CA TYR A 172 2.92 7.32 9.34
C TYR A 172 3.04 6.01 8.57
N CYS A 173 2.08 5.10 8.76
CA CYS A 173 2.14 3.83 8.04
C CYS A 173 1.91 4.03 6.56
N THR A 174 1.11 5.02 6.17
CA THR A 174 0.92 5.32 4.76
C THR A 174 2.17 5.94 4.17
N LEU A 175 2.86 6.79 4.93
CA LEU A 175 4.06 7.45 4.41
C LEU A 175 5.19 6.44 4.19
N THR A 176 5.13 5.30 4.86
CA THR A 176 6.15 4.26 4.63
C THR A 176 6.00 3.65 3.25
N ILE A 177 4.77 3.32 2.85
CA ILE A 177 4.55 2.76 1.52
C ILE A 177 4.90 3.79 0.45
N ARG A 178 4.58 5.05 0.69
CA ARG A 178 4.88 6.11 -0.27
C ARG A 178 6.35 6.48 -0.26
N GLU A 179 7.17 5.80 0.54
CA GLU A 179 8.61 6.04 0.52
C GLU A 179 9.38 4.83 0.05
N SER A 180 8.96 3.63 0.45
CA SER A 180 9.58 2.41 -0.05
C SER A 180 9.40 2.28 -1.56
N ILE A 181 8.42 2.98 -2.13
CA ILE A 181 8.30 3.04 -3.59
C ILE A 181 9.35 3.98 -4.16
N LEU A 182 9.59 5.10 -3.48
CA LEU A 182 10.57 6.06 -3.98
C LEU A 182 11.98 5.48 -3.95
N ILE A 183 12.30 4.67 -2.94
CA ILE A 183 13.57 3.97 -2.92
C ILE A 183 13.66 3.02 -4.11
N ASN A 184 12.59 2.26 -4.36
CA ASN A 184 12.58 1.34 -5.50
C ASN A 184 12.50 2.12 -6.81
N ASN A 185 11.85 3.28 -6.81
CA ASN A 185 11.72 4.05 -8.04
C ASN A 185 13.05 4.65 -8.50
N GLY A 186 14.01 4.83 -7.58
CA GLY A 186 15.32 5.29 -7.99
C GLY A 186 15.94 6.36 -7.13
N SER A 187 15.15 6.98 -6.25
CA SER A 187 15.69 7.99 -5.35
C SER A 187 16.47 7.33 -4.21
N ARG A 188 17.16 8.15 -3.44
CA ARG A 188 17.99 7.67 -2.33
C ARG A 188 17.66 8.46 -1.07
N ILE A 189 16.65 8.01 -0.34
CA ILE A 189 16.35 8.56 0.98
C ILE A 189 17.29 7.91 1.99
N LYS A 190 17.73 8.69 2.97
CA LYS A 190 18.62 8.17 3.99
C LYS A 190 18.01 6.96 4.68
N GLY A 191 18.88 6.07 5.16
CA GLY A 191 18.40 4.83 5.75
C GLY A 191 17.57 5.05 7.01
N TRP A 192 17.88 6.13 7.75
CA TRP A 192 17.21 6.35 9.03
C TRP A 192 15.76 6.75 8.85
N TRP A 193 15.46 7.61 7.87
CA TRP A 193 14.12 8.18 7.76
C TRP A 193 13.05 7.11 7.57
N VAL A 194 13.39 6.02 6.88
CA VAL A 194 12.42 4.94 6.72
C VAL A 194 12.22 4.21 8.04
N PHE A 195 13.26 4.13 8.86
CA PHE A 195 13.14 3.48 10.15
C PHE A 195 12.42 4.37 11.16
N HIS A 196 12.63 5.68 11.06
CA HIS A 196 11.99 6.61 11.99
C HIS A 196 10.47 6.54 11.88
N HIS A 197 9.96 6.34 10.66
CA HIS A 197 8.51 6.26 10.46
C HIS A 197 7.91 5.03 11.12
N TYR A 198 8.73 4.12 11.65
CA TYR A 198 8.23 2.97 12.40
C TYR A 198 8.18 3.25 13.90
N VAL A 199 9.28 3.74 14.47
CA VAL A 199 9.35 4.02 15.90
C VAL A 199 8.26 4.98 16.31
N SER A 200 8.00 6.00 15.50
CA SER A 200 6.93 6.95 15.82
C SER A 200 5.57 6.27 15.76
N THR A 201 5.42 5.28 14.87
CA THR A 201 4.18 4.50 14.84
C THR A 201 4.03 3.67 16.10
N PHE A 202 5.12 2.99 16.51
CA PHE A 202 5.08 2.23 17.76
C PHE A 202 4.88 3.16 18.95
N LEU A 203 5.35 4.39 18.85
CA LEU A 203 5.12 5.36 19.90
C LEU A 203 3.64 5.72 20.00
N SER A 204 3.01 5.99 18.86
CA SER A 204 1.58 6.25 18.86
C SER A 204 0.78 4.99 19.17
N GLY A 205 1.44 3.83 19.17
CA GLY A 205 0.77 2.61 19.55
C GLY A 205 0.59 2.47 21.05
N VAL A 206 1.68 2.65 21.80
CA VAL A 206 1.61 2.49 23.25
C VAL A 206 0.72 3.54 23.88
N MET A 207 0.72 4.76 23.32
CA MET A 207 -0.13 5.82 23.87
C MET A 207 -1.60 5.49 23.69
N LEU A 208 -1.93 4.68 22.68
CA LEU A 208 -3.33 4.38 22.39
C LEU A 208 -3.95 3.52 23.47
N THR A 209 -3.18 2.59 24.04
CA THR A 209 -3.68 1.71 25.10
C THR A 209 -3.41 2.26 26.50
N TRP A 210 -3.08 3.55 26.63
CA TRP A 210 -2.95 4.17 27.93
C TRP A 210 -4.30 4.20 28.63
N PRO A 211 -4.36 3.78 29.88
CA PRO A 211 -5.60 3.92 30.64
C PRO A 211 -5.66 5.24 31.39
N ASP A 212 -6.82 5.89 31.39
CA ASP A 212 -6.95 7.19 32.04
C ASP A 212 -6.69 7.07 33.53
N GLY A 213 -6.13 8.13 34.10
CA GLY A 213 -5.79 8.13 35.51
C GLY A 213 -5.02 9.37 35.87
N LEU A 214 -4.11 9.24 36.83
CA LEU A 214 -3.28 10.36 37.21
C LEU A 214 -2.11 10.54 36.24
N MET A 215 -1.64 9.44 35.66
CA MET A 215 -0.47 9.51 34.80
C MET A 215 -0.76 10.19 33.48
N TYR A 216 -2.01 10.12 33.01
CA TYR A 216 -2.33 10.69 31.70
C TYR A 216 -2.36 12.21 31.73
N GLN A 217 -3.10 12.79 32.69
CA GLN A 217 -3.24 14.23 32.75
C GLN A 217 -1.94 14.94 33.12
N LYS A 218 -0.85 14.21 33.31
CA LYS A 218 0.47 14.80 33.50
C LYS A 218 1.36 14.62 32.28
N PHE A 219 0.86 13.96 31.24
CA PHE A 219 1.62 13.74 30.00
C PHE A 219 0.75 13.99 28.78
N ARG A 220 -0.26 14.84 28.88
CA ARG A 220 -1.07 15.19 27.74
C ARG A 220 -0.63 16.50 27.11
N ASN A 221 -0.46 17.54 27.92
CA ASN A 221 -0.05 18.85 27.42
C ASN A 221 1.33 18.77 26.77
N GLN A 222 2.24 17.99 27.35
CA GLN A 222 3.60 17.93 26.82
C GLN A 222 3.67 17.08 25.56
N PHE A 223 2.63 16.30 25.29
CA PHE A 223 2.64 15.51 24.07
C PHE A 223 1.81 16.18 22.97
N LEU A 224 0.65 16.73 23.33
CA LEU A 224 -0.21 17.32 22.31
C LEU A 224 0.40 18.59 21.75
N SER A 225 1.02 19.42 22.60
CA SER A 225 1.68 20.62 22.11
C SER A 225 2.87 20.26 21.23
N PHE A 226 3.66 19.27 21.65
CA PHE A 226 4.78 18.81 20.83
C PHE A 226 4.29 18.29 19.48
N SER A 227 3.10 17.69 19.45
CA SER A 227 2.55 17.25 18.18
C SER A 227 2.17 18.44 17.30
N MET A 228 1.82 19.57 17.92
CA MET A 228 1.53 20.77 17.15
C MET A 228 2.80 21.34 16.53
N TYR A 229 3.84 21.52 17.34
CA TYR A 229 5.06 22.16 16.86
C TYR A 229 5.73 21.34 15.77
N GLN A 230 5.83 20.01 15.96
CA GLN A 230 6.41 19.16 14.93
C GLN A 230 5.59 19.22 13.65
N SER A 231 4.27 19.34 13.78
CA SER A 231 3.43 19.45 12.60
C SER A 231 3.65 20.79 11.90
N PHE A 232 3.83 21.86 12.66
CA PHE A 232 4.03 23.17 12.05
C PHE A 232 5.38 23.25 11.35
N VAL A 233 6.39 22.57 11.88
CA VAL A 233 7.69 22.52 11.22
C VAL A 233 7.57 21.87 9.86
N GLN A 234 6.65 20.91 9.72
CA GLN A 234 6.47 20.23 8.45
C GLN A 234 6.05 21.21 7.35
N PHE A 235 5.35 22.29 7.72
CA PHE A 235 5.04 23.33 6.76
C PHE A 235 6.31 23.95 6.19
N LEU A 236 7.33 24.14 7.03
CA LEU A 236 8.57 24.76 6.58
C LEU A 236 9.34 23.84 5.65
N GLN A 237 9.50 22.56 6.04
CA GLN A 237 10.20 21.61 5.19
C GLN A 237 9.58 21.54 3.81
N TYR A 238 8.26 21.72 3.72
CA TYR A 238 7.61 21.79 2.41
C TYR A 238 8.16 22.95 1.59
N TYR A 239 8.14 24.16 2.14
CA TYR A 239 8.62 25.32 1.40
C TYR A 239 10.12 25.24 1.15
N TYR A 240 10.81 24.38 1.88
CA TYR A 240 12.23 24.15 1.63
C TYR A 240 12.43 23.16 0.48
N GLN A 241 11.79 21.99 0.57
CA GLN A 241 12.00 20.94 -0.42
C GLN A 241 11.33 21.30 -1.75
N SER A 242 10.13 21.89 -1.70
CA SER A 242 9.46 22.28 -2.93
C SER A 242 10.28 23.29 -3.72
N GLY A 243 10.91 24.22 -3.01
CA GLY A 243 11.83 25.14 -3.68
C GLY A 243 13.06 24.44 -4.23
N CYS A 244 13.51 23.39 -3.54
CA CYS A 244 14.70 22.67 -3.98
C CYS A 244 14.43 21.86 -5.23
N LEU A 245 13.28 21.19 -5.30
CA LEU A 245 13.00 20.29 -6.42
C LEU A 245 12.84 21.05 -7.73
N TYR A 246 12.09 22.16 -7.70
CA TYR A 246 11.86 22.92 -8.91
C TYR A 246 13.17 23.46 -9.49
N ARG A 247 14.09 23.88 -8.63
CA ARG A 247 15.39 24.34 -9.10
C ARG A 247 16.24 23.16 -9.56
N LEU A 248 16.12 22.02 -8.89
CA LEU A 248 16.84 20.83 -9.31
C LEU A 248 16.40 20.38 -10.69
N ARG A 249 15.12 20.61 -11.01
CA ARG A 249 14.64 20.33 -12.36
C ARG A 249 15.42 21.11 -13.41
N ALA A 250 15.71 22.38 -13.13
CA ALA A 250 16.47 23.21 -14.05
C ALA A 250 17.93 22.77 -14.10
N GLU A 262 25.66 26.74 -8.57
CA GLU A 262 26.15 28.03 -8.14
C GLU A 262 25.22 28.74 -7.17
N GLY A 263 24.42 29.67 -7.69
CA GLY A 263 23.45 30.36 -6.85
C GLY A 263 22.43 29.42 -6.26
N PHE A 264 22.08 28.34 -6.95
CA PHE A 264 21.19 27.33 -6.39
C PHE A 264 21.82 26.71 -5.14
N GLN A 265 23.13 26.47 -5.18
CA GLN A 265 23.81 25.94 -3.99
C GLN A 265 23.77 26.94 -2.85
N SER A 266 23.81 28.24 -3.17
CA SER A 266 23.62 29.25 -2.15
C SER A 266 22.22 29.19 -1.54
N TRP A 267 21.21 29.00 -2.40
CA TRP A 267 19.86 28.80 -1.90
C TRP A 267 19.77 27.56 -1.03
N MET A 268 20.45 26.48 -1.43
CA MET A 268 20.44 25.25 -0.63
C MET A 268 21.07 25.47 0.73
N TRP A 269 22.22 26.17 0.76
CA TRP A 269 22.87 26.43 2.04
C TRP A 269 22.07 27.42 2.87
N ARG A 270 21.56 28.49 2.25
CA ARG A 270 20.76 29.46 2.97
C ARG A 270 19.41 28.87 3.38
N GLY A 271 18.87 27.97 2.55
CA GLY A 271 17.60 27.33 2.89
C GLY A 271 17.70 26.48 4.13
N LEU A 272 18.74 25.64 4.21
CA LEU A 272 18.93 24.83 5.40
C LEU A 272 19.34 25.67 6.60
N THR A 273 20.02 26.80 6.34
CA THR A 273 20.47 27.65 7.44
C THR A 273 19.30 28.19 8.25
N PHE A 274 18.29 28.73 7.57
CA PHE A 274 17.12 29.24 8.27
C PHE A 274 16.31 28.11 8.90
N LEU A 275 16.45 26.89 8.37
CA LEU A 275 15.62 25.79 8.83
C LEU A 275 16.25 25.04 10.00
N LEU A 276 17.58 25.01 10.07
CA LEU A 276 18.25 24.18 11.08
C LEU A 276 17.91 24.53 12.52
N PRO A 277 17.79 25.82 12.92
CA PRO A 277 17.41 26.08 14.31
C PRO A 277 16.10 25.42 14.73
N PHE A 278 15.07 25.51 13.91
CA PHE A 278 13.79 24.92 14.26
C PHE A 278 13.89 23.41 14.36
N LEU A 279 14.64 22.78 13.47
CA LEU A 279 14.80 21.33 13.52
C LEU A 279 15.58 20.90 14.75
N PHE A 280 16.50 21.75 15.23
CA PHE A 280 17.23 21.43 16.44
C PHE A 280 16.38 21.71 17.68
N PHE A 281 15.56 22.77 17.63
CA PHE A 281 14.64 23.05 18.72
C PHE A 281 13.70 21.88 18.97
N GLY A 282 13.22 21.25 17.90
CA GLY A 282 12.35 20.09 18.06
C GLY A 282 13.07 18.90 18.66
N HIS A 283 14.32 18.69 18.26
CA HIS A 283 15.08 17.55 18.78
C HIS A 283 15.30 17.68 20.28
N PHE A 284 15.52 18.90 20.77
CA PHE A 284 15.70 19.09 22.20
C PHE A 284 14.38 18.97 22.95
N TRP A 285 13.29 19.43 22.34
CA TRP A 285 11.96 19.20 22.91
C TRP A 285 11.69 17.69 23.01
N GLN A 286 12.09 16.93 21.99
CA GLN A 286 11.91 15.49 22.01
C GLN A 286 12.59 14.87 23.23
N LEU A 287 13.81 15.30 23.53
CA LEU A 287 14.50 14.80 24.70
C LEU A 287 13.81 15.26 25.98
N PHE A 288 13.24 16.47 25.97
CA PHE A 288 12.61 16.98 27.18
C PHE A 288 11.34 16.21 27.51
N ASN A 289 10.60 15.77 26.49
CA ASN A 289 9.44 14.93 26.75
C ASN A 289 9.87 13.54 27.23
N ALA A 290 10.99 13.04 26.73
CA ALA A 290 11.53 11.77 27.20
C ALA A 290 11.92 11.86 28.67
N LEU A 291 12.55 12.96 29.06
CA LEU A 291 13.00 13.12 30.45
C LEU A 291 11.82 13.16 31.41
N THR A 292 10.71 13.77 30.99
CA THR A 292 9.54 13.84 31.85
C THR A 292 9.03 12.45 32.20
N LEU A 293 8.91 11.58 31.19
CA LEU A 293 8.37 10.24 31.43
C LEU A 293 9.23 9.47 32.43
N PHE A 294 10.54 9.43 32.22
CA PHE A 294 11.41 8.76 33.19
C PHE A 294 11.30 9.40 34.56
N ASN A 295 11.14 10.72 34.61
CA ASN A 295 10.92 11.39 35.89
C ASN A 295 9.53 11.10 36.43
N LEU A 296 8.55 10.94 35.53
CA LEU A 296 7.20 10.59 35.95
C LEU A 296 7.10 9.12 36.35
N ALA A 297 7.82 8.25 35.63
CA ALA A 297 7.73 6.82 35.92
C ALA A 297 8.31 6.50 37.30
N ARG A 298 9.47 7.07 37.61
CA ARG A 298 10.10 6.79 38.90
C ARG A 298 9.23 7.26 40.06
N ASP A 299 8.32 8.19 39.79
CA ASP A 299 7.35 8.55 40.80
C ASP A 299 6.47 7.35 41.12
N PRO A 300 6.33 6.99 42.41
CA PRO A 300 5.65 5.72 42.73
C PRO A 300 4.18 5.68 42.32
N GLU A 301 3.51 6.84 42.27
CA GLU A 301 2.07 6.86 42.05
C GLU A 301 1.67 6.43 40.65
N CYS A 302 2.61 6.34 39.70
CA CYS A 302 2.26 6.01 38.33
C CYS A 302 1.66 4.60 38.23
N LYS A 303 2.48 3.59 38.52
CA LYS A 303 2.03 2.18 38.54
C LYS A 303 1.37 1.78 37.22
N GLU A 304 1.93 2.24 36.11
CA GLU A 304 1.47 1.85 34.77
C GLU A 304 2.64 1.37 33.95
N TRP A 305 2.48 0.20 33.32
CA TRP A 305 3.55 -0.35 32.48
C TRP A 305 3.84 0.53 31.28
N GLN A 306 2.84 1.29 30.81
CA GLN A 306 2.95 1.93 29.51
C GLN A 306 3.93 3.10 29.51
N VAL A 307 4.22 3.68 30.68
CA VAL A 307 5.03 4.89 30.71
C VAL A 307 6.46 4.61 30.25
N LEU A 308 7.12 3.64 30.88
CA LEU A 308 8.54 3.41 30.59
C LEU A 308 8.74 2.88 29.19
N MET A 309 7.79 2.10 28.67
CA MET A 309 7.89 1.63 27.28
C MET A 309 7.50 2.73 26.31
N CYS A 310 6.83 3.77 26.79
CA CYS A 310 6.57 4.94 25.96
C CYS A 310 7.75 5.91 26.01
N GLY A 311 8.56 5.82 27.06
CA GLY A 311 9.68 6.75 27.21
C GLY A 311 10.81 6.47 26.23
N PHE A 312 11.13 5.20 26.02
CA PHE A 312 12.26 4.85 25.16
C PHE A 312 12.10 5.33 23.72
N PRO A 313 10.94 5.21 23.07
CA PRO A 313 10.81 5.78 21.72
C PRO A 313 11.13 7.28 21.67
N PHE A 314 10.70 8.04 22.67
CA PHE A 314 11.06 9.46 22.71
C PHE A 314 12.56 9.66 22.82
N LEU A 315 13.21 8.88 23.68
CA LEU A 315 14.67 8.95 23.77
C LEU A 315 15.32 8.42 22.50
N LEU A 316 14.76 7.35 21.93
CA LEU A 316 15.33 6.78 20.71
C LEU A 316 15.23 7.75 19.55
N LEU A 317 14.10 8.44 19.42
CA LEU A 317 13.93 9.41 18.33
C LEU A 317 14.93 10.54 18.44
N PHE A 318 15.20 11.00 19.66
CA PHE A 318 16.12 12.12 19.84
C PHE A 318 17.55 11.71 19.49
N LEU A 319 17.97 10.53 19.93
CA LEU A 319 19.33 10.08 19.64
C LEU A 319 19.54 9.90 18.14
N GLY A 320 18.49 9.50 17.42
CA GLY A 320 18.60 9.33 15.98
C GLY A 320 18.54 10.65 15.23
N ASN A 321 17.50 11.45 15.51
CA ASN A 321 17.28 12.68 14.76
C ASN A 321 18.44 13.65 14.92
N PHE A 322 18.83 13.92 16.17
CA PHE A 322 19.91 14.87 16.42
C PHE A 322 21.22 14.39 15.81
N PHE A 323 21.39 13.07 15.73
CA PHE A 323 22.61 12.52 15.13
C PHE A 323 22.56 12.59 13.60
N THR A 324 21.47 12.09 13.01
CA THR A 324 21.39 12.05 11.55
C THR A 324 21.37 13.43 10.94
N THR A 325 20.67 14.38 11.58
CA THR A 325 20.64 15.75 11.09
C THR A 325 22.04 16.35 11.06
N LEU A 326 22.88 15.99 12.03
CA LEU A 326 24.25 16.49 12.06
C LEU A 326 25.04 15.95 10.87
N ARG A 327 24.74 14.72 10.44
CA ARG A 327 25.48 14.13 9.32
C ARG A 327 25.19 14.87 8.02
N VAL A 328 23.91 15.12 7.73
CA VAL A 328 23.55 15.75 6.46
C VAL A 328 24.08 17.18 6.40
N VAL A 329 24.26 17.82 7.56
CA VAL A 329 24.85 19.14 7.58
C VAL A 329 26.37 19.05 7.38
N HIS A 330 27.00 18.05 8.00
CA HIS A 330 28.44 17.87 7.84
C HIS A 330 28.80 17.59 6.39
N GLN A 331 27.95 16.85 5.68
CA GLN A 331 28.17 16.65 4.26
C GLN A 331 27.93 17.94 3.48
N LYS A 332 26.97 18.76 3.93
CA LYS A 332 26.68 20.00 3.24
C LYS A 332 27.85 20.97 3.32
N PHE A 333 28.46 21.10 4.51
CA PHE A 333 29.64 21.93 4.64
C PHE A 333 30.82 21.34 3.88
N HIS A 334 30.98 20.02 3.93
CA HIS A 334 32.06 19.37 3.21
C HIS A 334 31.88 19.51 1.70
N SER A 335 30.64 19.46 1.23
CA SER A 335 30.35 19.60 -0.19
C SER A 335 29.17 20.54 -0.43
N LEU B 9 48.71 -4.16 -12.03
CA LEU B 9 48.18 -3.38 -13.14
C LEU B 9 48.00 -4.26 -14.38
N GLY B 10 48.93 -5.19 -14.59
CA GLY B 10 48.88 -6.03 -15.78
C GLY B 10 47.55 -6.72 -15.96
N ASP B 11 47.01 -7.30 -14.88
CA ASP B 11 45.65 -7.83 -14.93
C ASP B 11 44.63 -6.70 -14.90
N CYS B 12 44.92 -5.65 -14.13
CA CYS B 12 43.98 -4.53 -14.01
C CYS B 12 43.76 -3.83 -15.34
N LEU B 13 44.78 -3.83 -16.20
CA LEU B 13 44.61 -3.22 -17.52
C LEU B 13 43.94 -4.18 -18.48
N ARG B 14 44.23 -5.47 -18.37
CA ARG B 14 43.74 -6.44 -19.34
C ARG B 14 42.22 -6.56 -19.28
N ASN B 15 41.65 -6.64 -18.07
CA ASN B 15 40.21 -6.90 -17.94
C ASN B 15 39.38 -5.79 -18.56
N TRP B 16 39.88 -4.55 -18.52
CA TRP B 16 39.08 -3.42 -18.96
C TRP B 16 38.80 -3.46 -20.46
N GLU B 17 39.81 -3.81 -21.26
CA GLU B 17 39.67 -3.71 -22.71
C GLU B 17 38.64 -4.71 -23.24
N ASP B 18 38.64 -5.94 -22.73
CA ASP B 18 37.60 -6.88 -23.14
C ASP B 18 36.26 -6.55 -22.48
N LEU B 19 36.27 -6.13 -21.22
CA LEU B 19 35.04 -5.72 -20.56
C LEU B 19 34.42 -4.52 -21.28
N GLN B 20 35.26 -3.64 -21.84
CA GLN B 20 34.76 -2.51 -22.61
C GLN B 20 34.02 -3.00 -23.85
N GLN B 21 34.55 -4.04 -24.50
CA GLN B 21 33.90 -4.58 -25.69
C GLN B 21 32.49 -5.06 -25.38
N ASP B 22 32.32 -5.82 -24.31
CA ASP B 22 30.98 -6.30 -23.95
C ASP B 22 30.09 -5.17 -23.46
N PHE B 23 30.68 -4.18 -22.79
CA PHE B 23 29.89 -3.05 -22.33
C PHE B 23 29.32 -2.26 -23.50
N GLN B 24 30.05 -2.21 -24.61
CA GLN B 24 29.60 -1.43 -25.76
C GLN B 24 28.25 -1.94 -26.27
N GLY B 25 28.13 -3.24 -26.50
CA GLY B 25 26.88 -3.80 -26.98
C GLY B 25 25.74 -3.56 -26.01
N ILE B 26 26.01 -3.67 -24.70
CA ILE B 26 24.96 -3.45 -23.71
C ILE B 26 24.51 -2.00 -23.74
N GLN B 27 25.43 -1.07 -24.03
CA GLN B 27 25.05 0.34 -24.12
C GLN B 27 24.10 0.58 -25.28
N GLU B 28 24.33 -0.09 -26.42
CA GLU B 28 23.50 0.14 -27.60
C GLU B 28 22.15 -0.54 -27.46
N THR B 29 22.11 -1.72 -26.83
CA THR B 29 20.83 -2.40 -26.63
C THR B 29 19.88 -1.56 -25.80
N HIS B 30 20.37 -0.95 -24.72
CA HIS B 30 19.53 -0.08 -23.92
C HIS B 30 19.07 1.13 -24.72
N ARG B 31 19.82 1.51 -25.75
CA ARG B 31 19.43 2.63 -26.59
C ARG B 31 18.17 2.32 -27.39
N LEU B 32 18.08 1.09 -27.91
CA LEU B 32 16.87 0.69 -28.62
C LEU B 32 15.69 0.51 -27.67
N TYR B 33 15.94 -0.06 -26.50
CA TYR B 33 14.88 -0.29 -25.53
C TYR B 33 14.21 1.01 -25.12
N ARG B 34 14.97 2.11 -25.07
CA ARG B 34 14.38 3.41 -24.74
C ARG B 34 13.41 3.85 -25.83
N LEU B 35 13.68 3.48 -27.08
CA LEU B 35 12.79 3.86 -28.18
C LEU B 35 11.47 3.12 -28.10
N LYS B 36 11.52 1.79 -28.01
CA LYS B 36 10.29 1.01 -28.00
C LYS B 36 9.55 1.16 -26.68
N LEU B 37 10.20 1.74 -25.67
CA LEU B 37 9.49 2.10 -24.45
C LEU B 37 8.54 3.28 -24.70
N GLU B 38 9.04 4.32 -25.36
CA GLU B 38 8.23 5.50 -25.62
C GLU B 38 7.18 5.23 -26.68
N GLU B 39 7.55 4.51 -27.75
CA GLU B 39 6.59 4.20 -28.81
C GLU B 39 5.45 3.35 -28.27
N LEU B 40 5.71 2.55 -27.24
CA LEU B 40 4.63 1.77 -26.64
C LEU B 40 3.71 2.64 -25.79
N THR B 41 4.26 3.69 -25.16
CA THR B 41 3.44 4.59 -24.38
C THR B 41 2.47 5.35 -25.27
N LYS B 42 2.95 5.79 -26.44
CA LYS B 42 2.05 6.43 -27.42
C LYS B 42 0.99 5.44 -27.89
N LEU B 43 1.39 4.18 -28.15
CA LEU B 43 0.41 3.16 -28.50
C LEU B 43 -0.56 2.93 -27.35
N GLN B 44 -0.08 3.00 -26.11
CA GLN B 44 -0.97 2.92 -24.96
C GLN B 44 -1.92 4.11 -24.92
N ALA B 45 -1.41 5.29 -25.28
CA ALA B 45 -2.25 6.49 -25.24
C ALA B 45 -3.36 6.43 -26.27
N ASN B 46 -3.01 6.17 -27.53
CA ASN B 46 -4.02 6.16 -28.60
C ASN B 46 -5.06 5.06 -28.37
N CYS B 47 -4.60 3.85 -28.07
CA CYS B 47 -5.52 2.73 -27.90
C CYS B 47 -6.45 2.95 -26.71
N THR B 48 -5.93 3.53 -25.62
CA THR B 48 -6.78 3.81 -24.47
C THR B 48 -7.82 4.87 -24.79
N ASN B 49 -7.42 5.92 -25.52
CA ASN B 49 -8.36 6.97 -25.88
C ASN B 49 -9.40 6.48 -26.86
N SER B 50 -9.00 5.59 -27.78
CA SER B 50 -9.92 5.11 -28.81
C SER B 50 -11.06 4.32 -28.20
N ILE B 51 -10.77 3.42 -27.28
CA ILE B 51 -11.81 2.56 -26.72
C ILE B 51 -12.76 3.37 -25.84
N THR B 52 -12.20 4.22 -24.96
CA THR B 52 -13.05 5.00 -24.06
C THR B 52 -13.93 5.96 -24.84
N ARG B 53 -13.47 6.41 -26.01
CA ARG B 53 -14.31 7.24 -26.88
C ARG B 53 -15.45 6.43 -27.46
N GLN B 54 -15.14 5.28 -28.06
CA GLN B 54 -16.18 4.48 -28.69
C GLN B 54 -17.12 3.88 -27.65
N LYS B 55 -16.60 3.57 -26.46
CA LYS B 55 -17.46 3.09 -25.39
C LYS B 55 -18.51 4.14 -25.01
N LYS B 56 -18.12 5.41 -25.03
CA LYS B 56 -19.05 6.49 -24.73
C LYS B 56 -20.15 6.57 -25.78
N ARG B 57 -19.78 6.52 -27.07
CA ARG B 57 -20.76 6.62 -28.14
C ARG B 57 -21.77 5.48 -28.07
N LEU B 58 -21.28 4.24 -27.95
CA LEU B 58 -22.20 3.10 -27.91
C LEU B 58 -23.09 3.18 -26.67
N GLN B 59 -22.55 3.63 -25.55
CA GLN B 59 -23.38 3.82 -24.35
C GLN B 59 -24.48 4.83 -24.62
N GLU B 60 -24.16 5.89 -25.38
CA GLU B 60 -25.20 6.85 -25.77
C GLU B 60 -26.23 6.19 -26.68
N LEU B 61 -25.77 5.40 -27.66
CA LEU B 61 -26.71 4.67 -28.51
C LEU B 61 -27.40 3.56 -27.72
N ALA B 62 -26.70 2.95 -26.77
CA ALA B 62 -27.36 2.04 -25.84
C ALA B 62 -28.42 2.78 -25.04
N LEU B 63 -28.10 3.99 -24.58
CA LEU B 63 -29.11 4.87 -24.00
C LEU B 63 -30.19 5.19 -25.02
N VAL B 64 -29.79 5.46 -26.26
CA VAL B 64 -30.78 5.67 -27.33
C VAL B 64 -31.64 4.43 -27.49
N LEU B 65 -31.03 3.25 -27.52
CA LEU B 65 -31.80 2.02 -27.54
C LEU B 65 -32.64 1.88 -26.28
N LYS B 66 -32.08 2.29 -25.14
CA LYS B 66 -32.86 2.27 -23.89
C LYS B 66 -34.12 3.12 -24.02
N LYS B 67 -33.99 4.33 -24.57
CA LYS B 67 -35.17 5.14 -24.80
C LYS B 67 -36.00 4.60 -25.96
N CYS B 68 -35.34 3.96 -26.94
CA CYS B 68 -36.03 3.37 -28.07
C CYS B 68 -36.40 1.91 -27.82
N ARG B 69 -36.22 1.42 -26.60
CA ARG B 69 -36.74 0.09 -26.27
C ARG B 69 -38.26 0.03 -26.29
N PRO B 70 -38.99 1.01 -25.76
CA PRO B 70 -40.46 1.00 -25.94
C PRO B 70 -40.91 1.17 -27.38
N SER B 71 -40.01 1.47 -28.31
CA SER B 71 -40.41 1.68 -29.70
C SER B 71 -40.90 0.39 -30.35
N LEU B 72 -40.75 -0.73 -29.65
CA LEU B 72 -41.18 -2.03 -30.17
C LEU B 72 -42.67 -2.04 -30.50
N SER B 76 -41.78 -7.39 -35.03
CA SER B 76 -40.89 -6.53 -35.79
C SER B 76 -39.82 -5.93 -34.89
N MET B 77 -39.62 -6.55 -33.72
CA MET B 77 -38.64 -6.09 -32.75
C MET B 77 -37.51 -7.09 -32.56
N GLU B 78 -37.48 -8.16 -33.36
CA GLU B 78 -36.50 -9.22 -33.15
C GLU B 78 -35.07 -8.73 -33.32
N ALA B 79 -34.87 -7.75 -34.21
CA ALA B 79 -33.54 -7.17 -34.35
C ALA B 79 -33.15 -6.40 -33.10
N ALA B 80 -34.11 -5.69 -32.49
CA ALA B 80 -33.82 -4.91 -31.29
C ALA B 80 -33.25 -5.78 -30.18
N GLN B 81 -33.83 -6.97 -29.97
CA GLN B 81 -33.26 -7.92 -29.04
C GLN B 81 -31.88 -8.37 -29.49
N GLU B 82 -31.71 -8.61 -30.79
CA GLU B 82 -30.42 -9.05 -31.30
C GLU B 82 -29.38 -7.93 -31.28
N LEU B 83 -29.78 -6.73 -31.68
CA LEU B 83 -28.88 -5.59 -31.53
C LEU B 83 -28.52 -5.36 -30.07
N GLU B 84 -29.47 -5.61 -29.16
CA GLU B 84 -29.14 -5.58 -27.73
C GLU B 84 -28.09 -6.63 -27.40
N ASN B 85 -28.24 -7.84 -27.95
CA ASN B 85 -27.17 -8.83 -27.83
C ASN B 85 -25.90 -8.32 -28.48
N GLN B 86 -26.01 -7.70 -29.65
CA GLN B 86 -24.84 -7.09 -30.29
C GLN B 86 -24.24 -6.02 -29.40
N MET B 87 -25.08 -5.15 -28.82
CA MET B 87 -24.60 -4.21 -27.82
C MET B 87 -23.99 -4.94 -26.63
N LYS B 88 -24.59 -6.07 -26.23
CA LYS B 88 -24.02 -6.87 -25.15
C LYS B 88 -22.67 -7.44 -25.55
N GLU B 89 -22.52 -7.81 -26.82
CA GLU B 89 -21.24 -8.32 -27.30
C GLU B 89 -20.19 -7.23 -27.33
N ARG B 90 -20.54 -6.07 -27.91
CA ARG B 90 -19.58 -4.98 -28.05
C ARG B 90 -19.06 -4.50 -26.70
N GLN B 91 -19.96 -4.28 -25.74
CA GLN B 91 -19.53 -3.91 -24.40
C GLN B 91 -18.68 -5.01 -23.77
N GLY B 92 -18.96 -6.27 -24.11
CA GLY B 92 -18.18 -7.37 -23.58
C GLY B 92 -16.75 -7.36 -24.09
N LEU B 93 -16.56 -7.08 -25.39
CA LEU B 93 -15.22 -7.07 -25.96
C LEU B 93 -14.39 -5.93 -25.41
N PHE B 94 -15.00 -4.75 -25.25
CA PHE B 94 -14.27 -3.60 -24.74
C PHE B 94 -13.84 -3.81 -23.29
N PHE B 95 -14.63 -4.59 -22.53
CA PHE B 95 -14.21 -4.94 -21.18
C PHE B 95 -13.03 -5.90 -21.19
N ASP B 96 -12.81 -6.57 -22.32
CA ASP B 96 -11.67 -7.47 -22.43
C ASP B 96 -10.38 -6.70 -22.72
N MET B 97 -10.39 -5.86 -23.75
CA MET B 97 -9.17 -5.15 -24.14
C MET B 97 -8.69 -4.21 -23.03
N GLU B 98 -9.61 -3.49 -22.39
CA GLU B 98 -9.21 -2.49 -21.41
C GLU B 98 -8.54 -3.13 -20.21
N ALA B 99 -8.78 -4.43 -19.98
CA ALA B 99 -8.06 -5.14 -18.93
C ALA B 99 -6.57 -5.20 -19.24
N TYR B 100 -6.20 -5.16 -20.52
CA TYR B 100 -4.80 -5.20 -20.90
C TYR B 100 -4.15 -3.84 -20.74
N LEU B 101 -4.82 -2.78 -21.21
CA LEU B 101 -4.27 -1.44 -21.13
C LEU B 101 -4.22 -0.97 -19.68
N PRO B 102 -3.27 -0.09 -19.36
CA PRO B 102 -3.24 0.49 -18.01
C PRO B 102 -4.52 1.25 -17.71
N LYS B 103 -4.96 1.15 -16.47
CA LYS B 103 -6.18 1.82 -16.02
C LYS B 103 -5.85 2.73 -14.85
N LYS B 104 -6.53 3.87 -14.80
CA LYS B 104 -6.30 4.84 -13.73
C LYS B 104 -6.68 4.24 -12.38
N ASN B 105 -5.92 4.60 -11.36
CA ASN B 105 -6.21 4.11 -10.01
C ASN B 105 -7.58 4.57 -9.55
N GLY B 106 -8.14 3.82 -8.60
CA GLY B 106 -9.41 4.17 -7.98
C GLY B 106 -9.25 5.32 -7.01
N LEU B 107 -10.10 5.30 -5.98
CA LEU B 107 -10.02 6.31 -4.94
C LEU B 107 -9.05 5.89 -3.83
N TYR B 108 -9.24 4.70 -3.27
CA TYR B 108 -8.40 4.27 -2.17
C TYR B 108 -6.94 4.10 -2.59
N LEU B 109 -6.71 3.77 -3.87
CA LEU B 109 -5.33 3.61 -4.33
C LEU B 109 -4.73 4.96 -4.72
N SER B 110 -5.48 6.04 -4.57
CA SER B 110 -4.87 7.37 -4.73
C SER B 110 -4.38 7.91 -3.40
N LEU B 111 -5.08 7.57 -2.31
CA LEU B 111 -4.59 7.94 -0.98
C LEU B 111 -3.33 7.17 -0.63
N VAL B 112 -3.39 5.85 -0.66
CA VAL B 112 -2.25 4.98 -0.41
C VAL B 112 -1.65 4.60 -1.75
N LEU B 113 -0.33 4.43 -1.80
CA LEU B 113 0.38 3.90 -2.96
C LEU B 113 0.47 4.92 -4.09
N GLY B 114 -0.28 6.01 -4.01
CA GLY B 114 -0.14 7.07 -4.98
C GLY B 114 -0.58 6.67 -6.39
N ASN B 115 -0.25 7.55 -7.34
CA ASN B 115 -0.68 7.39 -8.73
C ASN B 115 0.37 6.69 -9.57
N VAL B 116 0.56 5.40 -9.29
CA VAL B 116 1.42 4.53 -10.08
C VAL B 116 0.55 3.47 -10.73
N ASN B 117 0.84 3.16 -11.99
CA ASN B 117 0.08 2.14 -12.70
C ASN B 117 0.39 0.77 -12.12
N VAL B 118 -0.61 0.15 -11.50
CA VAL B 118 -0.45 -1.17 -10.89
C VAL B 118 -1.06 -2.25 -11.78
N THR B 119 -1.28 -1.95 -13.05
CA THR B 119 -1.91 -2.91 -13.96
C THR B 119 -0.86 -3.88 -14.48
N LEU B 120 -1.07 -5.15 -14.21
CA LEU B 120 -0.17 -6.22 -14.65
C LEU B 120 -0.68 -6.75 -15.99
N LEU B 121 0.17 -6.61 -17.02
CA LEU B 121 -0.33 -6.74 -18.40
C LEU B 121 -0.70 -8.18 -18.74
N SER B 122 0.27 -9.09 -18.68
CA SER B 122 0.06 -10.44 -19.18
C SER B 122 -0.87 -11.22 -18.27
N LYS B 123 -1.58 -12.18 -18.87
CA LYS B 123 -2.46 -13.05 -18.09
C LYS B 123 -1.68 -13.89 -17.11
N GLN B 124 -0.43 -14.23 -17.45
CA GLN B 124 0.45 -14.92 -16.52
C GLN B 124 0.54 -14.17 -15.19
N ALA B 125 0.73 -12.85 -15.25
CA ALA B 125 0.82 -12.08 -14.02
C ALA B 125 -0.54 -11.98 -13.33
N LYS B 126 -1.61 -11.76 -14.09
CA LYS B 126 -2.94 -11.66 -13.49
C LYS B 126 -3.31 -12.94 -12.76
N PHE B 127 -2.76 -14.07 -13.19
CA PHE B 127 -2.97 -15.33 -12.48
C PHE B 127 -2.05 -15.44 -11.28
N ALA B 128 -0.75 -15.20 -11.49
CA ALA B 128 0.22 -15.41 -10.42
C ALA B 128 -0.04 -14.49 -9.24
N TYR B 129 -0.62 -13.32 -9.47
CA TYR B 129 -0.93 -12.42 -8.36
C TYR B 129 -2.08 -12.96 -7.52
N LYS B 130 -3.08 -13.57 -8.18
CA LYS B 130 -4.24 -14.06 -7.44
C LYS B 130 -3.84 -15.12 -6.43
N ASP B 131 -2.89 -15.98 -6.80
CA ASP B 131 -2.44 -17.03 -5.87
C ASP B 131 -1.62 -16.43 -4.74
N GLU B 132 -0.76 -15.45 -5.05
CA GLU B 132 0.00 -14.79 -3.99
C GLU B 132 -0.91 -14.05 -3.02
N TYR B 133 -2.10 -13.67 -3.48
CA TYR B 133 -3.09 -13.09 -2.58
C TYR B 133 -3.66 -14.14 -1.64
N GLU B 134 -3.98 -15.33 -2.18
CA GLU B 134 -4.44 -16.43 -1.33
C GLU B 134 -3.35 -16.87 -0.37
N LYS B 135 -2.14 -17.09 -0.89
CA LYS B 135 -1.05 -17.57 -0.05
C LYS B 135 -0.70 -16.57 1.03
N PHE B 136 -1.17 -15.32 0.90
CA PHE B 136 -1.01 -14.37 2.00
C PHE B 136 -2.13 -14.51 3.01
N LYS B 137 -3.35 -14.81 2.55
CA LYS B 137 -4.46 -14.96 3.48
C LYS B 137 -4.27 -16.18 4.38
N LEU B 138 -3.77 -17.28 3.81
CA LEU B 138 -3.51 -18.47 4.61
C LEU B 138 -2.35 -18.26 5.57
N TYR B 139 -1.18 -17.87 5.03
CA TYR B 139 0.03 -17.73 5.83
C TYR B 139 -0.20 -16.86 7.05
N LEU B 140 -0.99 -15.78 6.90
CA LEU B 140 -1.22 -14.90 8.05
C LEU B 140 -2.38 -15.38 8.90
N THR B 141 -3.21 -16.28 8.38
CA THR B 141 -4.33 -16.79 9.17
C THR B 141 -3.86 -17.69 10.30
N ILE B 142 -2.92 -18.60 10.01
CA ILE B 142 -2.44 -19.52 11.05
C ILE B 142 -1.73 -18.73 12.15
N ILE B 143 -1.14 -17.59 11.81
CA ILE B 143 -0.52 -16.75 12.84
C ILE B 143 -1.61 -16.14 13.73
N LEU B 144 -2.78 -15.89 13.16
CA LEU B 144 -3.90 -15.43 13.97
C LEU B 144 -4.41 -16.53 14.89
N ILE B 145 -4.50 -17.76 14.39
CA ILE B 145 -4.99 -18.86 15.20
C ILE B 145 -4.05 -19.12 16.37
N VAL B 146 -2.74 -19.12 16.11
CA VAL B 146 -1.78 -19.39 17.18
C VAL B 146 -1.88 -18.34 18.28
N ILE B 147 -1.95 -17.06 17.89
CA ILE B 147 -2.01 -15.99 18.89
C ILE B 147 -3.36 -15.98 19.59
N SER B 148 -4.44 -16.12 18.83
CA SER B 148 -5.77 -16.10 19.43
C SER B 148 -6.00 -17.32 20.31
N PHE B 149 -5.40 -18.45 19.95
CA PHE B 149 -5.47 -19.63 20.82
C PHE B 149 -4.75 -19.38 22.14
N THR B 150 -3.62 -18.69 22.09
CA THR B 150 -2.88 -18.38 23.31
C THR B 150 -3.66 -17.40 24.19
N CYS B 151 -4.27 -16.38 23.57
CA CYS B 151 -4.93 -15.34 24.35
C CYS B 151 -6.17 -15.86 25.07
N ARG B 152 -6.73 -16.96 24.59
CA ARG B 152 -7.94 -17.53 25.20
C ARG B 152 -7.62 -18.58 26.27
N PHE B 153 -6.58 -19.37 26.10
CA PHE B 153 -6.31 -20.47 27.01
C PHE B 153 -5.07 -20.23 27.86
N LEU B 154 -3.96 -19.86 27.22
CA LEU B 154 -2.68 -19.84 27.92
C LEU B 154 -2.54 -18.61 28.81
N LEU B 155 -2.61 -17.42 28.21
CA LEU B 155 -2.30 -16.19 28.93
C LEU B 155 -3.41 -15.18 28.73
N ASN B 156 -3.87 -14.56 29.82
CA ASN B 156 -4.94 -13.57 29.80
C ASN B 156 -4.38 -12.26 30.35
N SER B 157 -4.21 -11.27 29.47
CA SER B 157 -3.70 -9.97 29.87
C SER B 157 -4.10 -8.94 28.82
N ARG B 158 -4.14 -7.67 29.25
CA ARG B 158 -4.52 -6.60 28.34
C ARG B 158 -3.44 -6.32 27.32
N VAL B 159 -2.18 -6.61 27.67
CA VAL B 159 -1.08 -6.34 26.75
C VAL B 159 -1.09 -7.32 25.58
N THR B 160 -1.28 -8.61 25.87
CA THR B 160 -1.28 -9.60 24.79
C THR B 160 -2.52 -9.48 23.92
N ASP B 161 -3.67 -9.15 24.51
CA ASP B 161 -4.87 -8.94 23.71
C ASP B 161 -4.73 -7.71 22.83
N ALA B 162 -3.95 -6.72 23.27
CA ALA B 162 -3.66 -5.57 22.43
C ALA B 162 -2.73 -5.95 21.29
N ALA B 163 -1.81 -6.88 21.54
CA ALA B 163 -0.91 -7.33 20.48
C ALA B 163 -1.66 -8.12 19.42
N PHE B 164 -2.62 -8.94 19.83
CA PHE B 164 -3.43 -9.67 18.86
C PHE B 164 -4.37 -8.73 18.12
N ASN B 165 -4.88 -7.71 18.81
CA ASN B 165 -5.83 -6.80 18.19
C ASN B 165 -5.13 -5.89 17.18
N PHE B 166 -3.91 -5.45 17.49
CA PHE B 166 -3.15 -4.64 16.54
C PHE B 166 -2.82 -5.45 15.30
N LEU B 167 -2.56 -6.74 15.45
CA LEU B 167 -2.32 -7.60 14.30
C LEU B 167 -3.55 -7.67 13.41
N LEU B 168 -4.74 -7.69 14.01
CA LEU B 168 -5.96 -7.74 13.22
C LEU B 168 -6.19 -6.45 12.44
N VAL B 169 -5.97 -5.30 13.08
CA VAL B 169 -6.13 -4.03 12.40
C VAL B 169 -5.17 -3.92 11.22
N TRP B 170 -3.98 -4.50 11.35
CA TRP B 170 -3.03 -4.49 10.24
C TRP B 170 -3.42 -5.53 9.18
N TYR B 171 -3.88 -6.70 9.61
CA TYR B 171 -4.21 -7.75 8.66
C TYR B 171 -5.36 -7.33 7.76
N TYR B 172 -6.34 -6.61 8.30
CA TYR B 172 -7.49 -6.21 7.50
C TYR B 172 -7.15 -5.00 6.62
N CYS B 173 -6.40 -4.05 7.16
CA CYS B 173 -6.04 -2.87 6.36
C CYS B 173 -5.11 -3.25 5.21
N THR B 174 -4.25 -4.26 5.42
CA THR B 174 -3.39 -4.72 4.34
C THR B 174 -4.19 -5.46 3.27
N LEU B 175 -5.20 -6.23 3.68
CA LEU B 175 -6.00 -6.97 2.72
C LEU B 175 -6.82 -6.04 1.84
N THR B 176 -7.08 -4.81 2.30
CA THR B 176 -7.80 -3.86 1.47
C THR B 176 -6.96 -3.41 0.29
N ILE B 177 -5.69 -3.09 0.52
CA ILE B 177 -4.80 -2.70 -0.57
C ILE B 177 -4.61 -3.85 -1.54
N ARG B 178 -4.50 -5.08 -1.01
CA ARG B 178 -4.31 -6.24 -1.86
C ARG B 178 -5.59 -6.66 -2.55
N GLU B 179 -6.68 -5.92 -2.36
CA GLU B 179 -7.92 -6.22 -3.07
C GLU B 179 -8.31 -5.08 -4.01
N SER B 180 -8.11 -3.83 -3.59
CA SER B 180 -8.36 -2.71 -4.50
C SER B 180 -7.43 -2.77 -5.71
N ILE B 181 -6.32 -3.49 -5.61
CA ILE B 181 -5.49 -3.73 -6.79
C ILE B 181 -6.14 -4.77 -7.70
N LEU B 182 -6.72 -5.80 -7.10
CA LEU B 182 -7.36 -6.85 -7.90
C LEU B 182 -8.56 -6.31 -8.66
N ILE B 183 -9.32 -5.40 -8.05
CA ILE B 183 -10.40 -4.74 -8.76
C ILE B 183 -9.85 -3.95 -9.94
N ASN B 184 -8.78 -3.18 -9.70
CA ASN B 184 -8.16 -2.42 -10.78
C ASN B 184 -7.47 -3.34 -11.78
N ASN B 185 -6.94 -4.47 -11.31
CA ASN B 185 -6.24 -5.40 -12.20
C ASN B 185 -7.17 -6.08 -13.17
N GLY B 186 -8.47 -6.19 -12.86
CA GLY B 186 -9.41 -6.74 -13.82
C GLY B 186 -10.41 -7.71 -13.25
N SER B 187 -10.19 -8.19 -12.02
CA SER B 187 -11.15 -9.09 -11.41
C SER B 187 -12.37 -8.32 -10.91
N ARG B 188 -13.39 -9.08 -10.49
CA ARG B 188 -14.64 -8.49 -10.03
C ARG B 188 -15.02 -9.11 -8.68
N ILE B 189 -14.50 -8.54 -7.60
CA ILE B 189 -14.92 -8.90 -6.26
C ILE B 189 -16.22 -8.17 -5.95
N LYS B 190 -17.12 -8.84 -5.23
CA LYS B 190 -18.39 -8.23 -4.87
C LYS B 190 -18.16 -6.92 -4.12
N GLY B 191 -19.13 -6.01 -4.25
CA GLY B 191 -18.97 -4.69 -3.65
C GLY B 191 -18.90 -4.73 -2.14
N TRP B 192 -19.56 -5.71 -1.53
CA TRP B 192 -19.64 -5.76 -0.08
C TRP B 192 -18.30 -6.13 0.55
N TRP B 193 -17.58 -7.09 -0.04
CA TRP B 193 -16.39 -7.63 0.61
C TRP B 193 -15.34 -6.56 0.86
N VAL B 194 -15.24 -5.56 -0.03
CA VAL B 194 -14.28 -4.48 0.18
C VAL B 194 -14.75 -3.59 1.32
N PHE B 195 -16.07 -3.45 1.49
CA PHE B 195 -16.59 -2.63 2.58
C PHE B 195 -16.51 -3.37 3.92
N HIS B 196 -16.68 -4.69 3.89
CA HIS B 196 -16.62 -5.48 5.12
C HIS B 196 -15.26 -5.37 5.78
N HIS B 197 -14.19 -5.31 4.97
CA HIS B 197 -12.85 -5.21 5.53
C HIS B 197 -12.61 -3.88 6.24
N TYR B 198 -13.56 -2.95 6.16
CA TYR B 198 -13.47 -1.70 6.91
C TYR B 198 -14.19 -1.78 8.26
N VAL B 199 -15.44 -2.24 8.25
CA VAL B 199 -16.24 -2.34 9.48
C VAL B 199 -15.52 -3.21 10.50
N SER B 200 -14.93 -4.32 10.05
CA SER B 200 -14.19 -5.17 10.99
C SER B 200 -12.96 -4.47 11.53
N THR B 201 -12.35 -3.59 10.72
CA THR B 201 -11.24 -2.78 11.23
C THR B 201 -11.72 -1.79 12.28
N PHE B 202 -12.84 -1.11 12.00
CA PHE B 202 -13.40 -0.20 12.99
C PHE B 202 -13.87 -0.96 14.23
N LEU B 203 -14.28 -2.22 14.05
CA LEU B 203 -14.63 -3.05 15.20
C LEU B 203 -13.41 -3.34 16.05
N SER B 204 -12.30 -3.72 15.44
CA SER B 204 -11.07 -3.93 16.19
C SER B 204 -10.50 -2.61 16.70
N GLY B 205 -11.03 -1.49 16.22
CA GLY B 205 -10.60 -0.20 16.74
C GLY B 205 -11.20 0.12 18.09
N VAL B 206 -12.52 -0.01 18.21
CA VAL B 206 -13.18 0.34 19.47
C VAL B 206 -12.76 -0.61 20.58
N MET B 207 -12.53 -1.88 20.26
CA MET B 207 -12.10 -2.84 21.28
C MET B 207 -10.72 -2.49 21.82
N LEU B 208 -9.91 -1.79 21.03
CA LEU B 208 -8.55 -1.48 21.45
C LEU B 208 -8.52 -0.48 22.58
N THR B 209 -9.44 0.49 22.57
CA THR B 209 -9.52 1.50 23.61
C THR B 209 -10.47 1.12 24.74
N TRP B 210 -10.87 -0.14 24.84
CA TRP B 210 -11.65 -0.60 25.97
C TRP B 210 -10.83 -0.50 27.25
N PRO B 211 -11.40 0.06 28.30
CA PRO B 211 -10.71 0.06 29.59
C PRO B 211 -11.09 -1.15 30.42
N ASP B 212 -10.10 -1.76 31.08
CA ASP B 212 -10.36 -2.96 31.86
C ASP B 212 -11.33 -2.68 33.00
N GLY B 213 -12.14 -3.68 33.33
CA GLY B 213 -13.13 -3.51 34.37
C GLY B 213 -14.02 -4.73 34.45
N LEU B 214 -15.29 -4.50 34.80
CA LEU B 214 -16.24 -5.60 34.84
C LEU B 214 -16.76 -5.93 33.45
N MET B 215 -16.84 -4.93 32.57
CA MET B 215 -17.43 -5.14 31.25
C MET B 215 -16.53 -5.98 30.36
N TYR B 216 -15.21 -5.92 30.57
CA TYR B 216 -14.29 -6.63 29.69
C TYR B 216 -14.33 -8.13 29.92
N GLN B 217 -14.20 -8.56 31.17
CA GLN B 217 -14.16 -9.99 31.48
C GLN B 217 -15.49 -10.69 31.22
N LYS B 218 -16.51 -9.98 30.75
CA LYS B 218 -17.76 -10.57 30.33
C LYS B 218 -17.91 -10.59 28.81
N PHE B 219 -16.93 -10.04 28.08
CA PHE B 219 -16.96 -10.00 26.63
C PHE B 219 -15.60 -10.37 26.03
N ARG B 220 -14.81 -11.17 26.74
CA ARG B 220 -13.54 -11.63 26.22
C ARG B 220 -13.65 -13.02 25.61
N ASN B 221 -14.25 -13.96 26.36
CA ASN B 221 -14.39 -15.32 25.87
C ASN B 221 -15.25 -15.37 24.61
N GLN B 222 -16.30 -14.56 24.57
CA GLN B 222 -17.21 -14.60 23.42
C GLN B 222 -16.61 -13.93 22.20
N PHE B 223 -15.55 -13.13 22.39
CA PHE B 223 -14.91 -12.51 21.24
C PHE B 223 -13.68 -13.29 20.81
N LEU B 224 -12.86 -13.74 21.76
CA LEU B 224 -11.63 -14.44 21.40
C LEU B 224 -11.92 -15.79 20.75
N SER B 225 -12.90 -16.52 21.29
CA SER B 225 -13.27 -17.79 20.68
C SER B 225 -13.85 -17.58 19.28
N PHE B 226 -14.71 -16.57 19.12
CA PHE B 226 -15.25 -16.26 17.80
C PHE B 226 -14.13 -15.89 16.83
N SER B 227 -13.06 -15.27 17.33
CA SER B 227 -11.94 -14.97 16.46
C SER B 227 -11.20 -16.23 16.05
N MET B 228 -11.24 -17.27 16.89
CA MET B 228 -10.65 -18.55 16.53
C MET B 228 -11.46 -19.23 15.43
N TYR B 229 -12.77 -19.34 15.63
CA TYR B 229 -13.60 -20.08 14.67
C TYR B 229 -13.60 -19.41 13.30
N GLN B 230 -13.75 -18.08 13.25
CA GLN B 230 -13.70 -17.39 11.97
C GLN B 230 -12.35 -17.58 11.30
N SER B 231 -11.27 -17.62 12.09
CA SER B 231 -9.96 -17.85 11.52
C SER B 231 -9.83 -19.28 10.97
N PHE B 232 -10.42 -20.25 11.67
CA PHE B 232 -10.33 -21.63 11.20
C PHE B 232 -11.14 -21.85 9.94
N VAL B 233 -12.26 -21.13 9.81
CA VAL B 233 -13.06 -21.21 8.58
C VAL B 233 -12.23 -20.73 7.39
N GLN B 234 -11.34 -19.76 7.62
CA GLN B 234 -10.52 -19.24 6.54
C GLN B 234 -9.64 -20.33 5.93
N PHE B 235 -9.27 -21.32 6.73
CA PHE B 235 -8.54 -22.47 6.18
C PHE B 235 -9.38 -23.20 5.14
N LEU B 236 -10.69 -23.32 5.38
CA LEU B 236 -11.55 -24.03 4.43
C LEU B 236 -11.72 -23.25 3.14
N GLN B 237 -12.01 -21.94 3.24
CA GLN B 237 -12.16 -21.13 2.04
C GLN B 237 -10.92 -21.21 1.16
N TYR B 238 -9.74 -21.36 1.77
CA TYR B 238 -8.53 -21.57 0.98
C TYR B 238 -8.63 -22.84 0.15
N TYR B 239 -8.94 -23.97 0.79
CA TYR B 239 -9.01 -25.23 0.04
C TYR B 239 -10.18 -25.23 -0.94
N TYR B 240 -11.12 -24.30 -0.76
CA TYR B 240 -12.20 -24.16 -1.72
C TYR B 240 -11.76 -23.32 -2.92
N GLN B 241 -11.21 -22.13 -2.66
CA GLN B 241 -10.87 -21.23 -3.75
C GLN B 241 -9.63 -21.71 -4.50
N SER B 242 -8.64 -22.25 -3.78
CA SER B 242 -7.45 -22.76 -4.46
C SER B 242 -7.80 -23.90 -5.41
N GLY B 243 -8.75 -24.75 -5.02
CA GLY B 243 -9.22 -25.77 -5.94
C GLY B 243 -9.99 -25.20 -7.11
N CYS B 244 -10.69 -24.08 -6.87
CA CYS B 244 -11.47 -23.46 -7.93
C CYS B 244 -10.58 -22.80 -8.98
N LEU B 245 -9.53 -22.11 -8.54
CA LEU B 245 -8.70 -21.33 -9.47
C LEU B 245 -7.93 -22.25 -10.40
N TYR B 246 -7.34 -23.32 -9.87
CA TYR B 246 -6.55 -24.22 -10.71
C TYR B 246 -7.40 -24.86 -11.79
N ARG B 247 -8.65 -25.21 -11.46
CA ARG B 247 -9.54 -25.77 -12.46
C ARG B 247 -10.00 -24.68 -13.44
N LEU B 248 -10.21 -23.47 -12.93
CA LEU B 248 -10.59 -22.35 -13.80
C LEU B 248 -9.49 -22.07 -14.82
N ARG B 249 -8.23 -22.30 -14.42
CA ARG B 249 -7.12 -22.16 -15.37
C ARG B 249 -7.30 -23.09 -16.56
N ALA B 250 -7.73 -24.33 -16.31
CA ALA B 250 -7.96 -25.29 -17.38
C ALA B 250 -9.18 -24.90 -18.21
N GLU B 262 -18.76 -28.42 -16.88
CA GLU B 262 -19.45 -29.67 -16.60
C GLU B 262 -19.16 -30.21 -15.21
N GLY B 263 -18.23 -31.18 -15.14
CA GLY B 263 -17.84 -31.74 -13.85
C GLY B 263 -17.22 -30.70 -12.94
N PHE B 264 -16.54 -29.69 -13.51
CA PHE B 264 -16.03 -28.59 -12.69
C PHE B 264 -17.16 -27.84 -12.01
N GLN B 265 -18.28 -27.64 -12.73
CA GLN B 265 -19.43 -27.01 -12.12
C GLN B 265 -20.01 -27.86 -11.00
N SER B 266 -19.92 -29.19 -11.14
CA SER B 266 -20.32 -30.06 -10.05
C SER B 266 -19.41 -29.88 -8.84
N TRP B 267 -18.09 -29.76 -9.08
CA TRP B 267 -17.16 -29.45 -8.00
C TRP B 267 -17.50 -28.11 -7.36
N MET B 268 -17.85 -27.12 -8.18
CA MET B 268 -18.20 -25.80 -7.64
C MET B 268 -19.44 -25.87 -6.77
N TRP B 269 -20.46 -26.60 -7.22
CA TRP B 269 -21.68 -26.73 -6.43
C TRP B 269 -21.43 -27.57 -5.19
N ARG B 270 -20.72 -28.70 -5.35
CA ARG B 270 -20.42 -29.55 -4.19
C ARG B 270 -19.44 -28.86 -3.25
N GLY B 271 -18.53 -28.05 -3.80
CA GLY B 271 -17.58 -27.34 -2.95
C GLY B 271 -18.26 -26.34 -2.04
N LEU B 272 -19.18 -25.54 -2.60
CA LEU B 272 -19.91 -24.58 -1.77
C LEU B 272 -20.89 -25.29 -0.86
N THR B 273 -21.38 -26.46 -1.26
CA THR B 273 -22.36 -27.19 -0.46
C THR B 273 -21.77 -27.59 0.88
N PHE B 274 -20.57 -28.17 0.87
CA PHE B 274 -19.94 -28.55 2.13
C PHE B 274 -19.51 -27.33 2.93
N LEU B 275 -19.33 -26.19 2.26
CA LEU B 275 -18.81 -25.01 2.94
C LEU B 275 -19.92 -24.15 3.53
N LEU B 276 -21.10 -24.16 2.92
CA LEU B 276 -22.15 -23.22 3.35
C LEU B 276 -22.60 -23.40 4.79
N PRO B 277 -22.74 -24.60 5.36
CA PRO B 277 -23.12 -24.69 6.78
C PRO B 277 -22.18 -23.94 7.70
N PHE B 278 -20.87 -24.10 7.53
CA PHE B 278 -19.92 -23.43 8.41
C PHE B 278 -20.01 -21.92 8.26
N LEU B 279 -20.18 -21.43 7.03
CA LEU B 279 -20.31 -19.98 6.82
C LEU B 279 -21.59 -19.43 7.42
N PHE B 280 -22.65 -20.25 7.48
CA PHE B 280 -23.88 -19.80 8.12
C PHE B 280 -23.77 -19.90 9.63
N PHE B 281 -23.08 -20.94 10.12
CA PHE B 281 -22.84 -21.05 11.56
C PHE B 281 -22.11 -19.83 12.10
N GLY B 282 -21.15 -19.32 11.35
CA GLY B 282 -20.43 -18.12 11.78
C GLY B 282 -21.31 -16.89 11.79
N HIS B 283 -22.19 -16.77 10.79
CA HIS B 283 -23.07 -15.60 10.72
C HIS B 283 -24.01 -15.55 11.91
N PHE B 284 -24.49 -16.71 12.37
CA PHE B 284 -25.37 -16.73 13.52
C PHE B 284 -24.61 -16.48 14.81
N TRP B 285 -23.36 -16.97 14.90
CA TRP B 285 -22.51 -16.62 16.02
C TRP B 285 -22.27 -15.11 16.07
N GLN B 286 -22.07 -14.49 14.90
CA GLN B 286 -21.89 -13.05 14.83
C GLN B 286 -23.06 -12.32 15.45
N LEU B 287 -24.29 -12.74 15.14
CA LEU B 287 -25.46 -12.13 15.75
C LEU B 287 -25.52 -12.40 17.24
N PHE B 288 -25.06 -13.58 17.66
CA PHE B 288 -25.13 -13.93 19.08
C PHE B 288 -24.18 -13.08 19.91
N ASN B 289 -23.02 -12.74 19.35
CA ASN B 289 -22.12 -11.82 20.05
C ASN B 289 -22.68 -10.42 20.09
N ALA B 290 -23.39 -10.02 19.02
CA ALA B 290 -24.04 -8.72 19.00
C ALA B 290 -25.12 -8.64 20.08
N LEU B 291 -25.90 -9.71 20.23
CA LEU B 291 -26.99 -9.70 21.20
C LEU B 291 -26.46 -9.60 22.63
N THR B 292 -25.31 -10.21 22.90
CA THR B 292 -24.74 -10.14 24.24
C THR B 292 -24.42 -8.70 24.62
N LEU B 293 -23.78 -7.95 23.71
CA LEU B 293 -23.40 -6.58 24.01
C LEU B 293 -24.60 -5.72 24.35
N PHE B 294 -25.64 -5.75 23.50
CA PHE B 294 -26.85 -5.00 23.81
C PHE B 294 -27.47 -5.46 25.12
N ASN B 295 -27.40 -6.75 25.41
CA ASN B 295 -27.88 -7.25 26.69
C ASN B 295 -26.93 -6.86 27.82
N LEU B 296 -25.63 -6.77 27.52
CA LEU B 296 -24.67 -6.34 28.53
C LEU B 296 -24.73 -4.83 28.73
N ALA B 297 -24.96 -4.07 27.65
CA ALA B 297 -24.98 -2.62 27.77
C ALA B 297 -26.16 -2.15 28.61
N ARG B 298 -27.34 -2.71 28.36
CA ARG B 298 -28.53 -2.29 29.11
C ARG B 298 -28.37 -2.60 30.60
N ASP B 299 -27.49 -3.52 30.95
CA ASP B 299 -27.16 -3.73 32.35
C ASP B 299 -26.53 -2.45 32.91
N PRO B 300 -27.04 -1.94 34.04
CA PRO B 300 -26.57 -0.62 34.51
C PRO B 300 -25.10 -0.58 34.89
N GLU B 301 -24.53 -1.71 35.31
CA GLU B 301 -23.18 -1.71 35.85
C GLU B 301 -22.12 -1.45 34.80
N CYS B 302 -22.45 -1.50 33.51
CA CYS B 302 -21.44 -1.33 32.48
C CYS B 302 -20.83 0.07 32.53
N LYS B 303 -21.64 1.09 32.23
CA LYS B 303 -21.22 2.49 32.30
C LYS B 303 -19.98 2.76 31.46
N GLU B 304 -19.92 2.15 30.27
CA GLU B 304 -18.83 2.38 29.32
C GLU B 304 -19.41 2.72 27.96
N TRP B 305 -18.92 3.81 27.37
CA TRP B 305 -19.40 4.21 26.05
C TRP B 305 -19.08 3.18 24.98
N GLN B 306 -18.01 2.40 25.17
CA GLN B 306 -17.47 1.60 24.07
C GLN B 306 -18.35 0.41 23.74
N VAL B 307 -19.22 -0.02 24.66
CA VAL B 307 -19.97 -1.25 24.42
C VAL B 307 -20.97 -1.08 23.28
N LEU B 308 -21.82 -0.06 23.35
CA LEU B 308 -22.88 0.09 22.38
C LEU B 308 -22.34 0.43 21.00
N MET B 309 -21.23 1.17 20.95
CA MET B 309 -20.62 1.47 19.65
C MET B 309 -19.82 0.27 19.15
N CYS B 310 -19.51 -0.67 20.03
CA CYS B 310 -18.92 -1.94 19.59
C CYS B 310 -19.99 -2.92 19.16
N GLY B 311 -21.22 -2.74 19.65
CA GLY B 311 -22.28 -3.68 19.32
C GLY B 311 -22.76 -3.56 17.88
N PHE B 312 -22.89 -2.33 17.38
CA PHE B 312 -23.42 -2.14 16.04
C PHE B 312 -22.57 -2.77 14.95
N PRO B 313 -21.24 -2.69 14.96
CA PRO B 313 -20.47 -3.43 13.94
C PRO B 313 -20.77 -4.92 13.92
N PHE B 314 -20.93 -5.55 15.09
CA PHE B 314 -21.29 -6.96 15.11
C PHE B 314 -22.66 -7.19 14.48
N LEU B 315 -23.64 -6.33 14.78
CA LEU B 315 -24.93 -6.45 14.14
C LEU B 315 -24.84 -6.10 12.67
N LEU B 316 -24.03 -5.09 12.32
CA LEU B 316 -23.91 -4.70 10.93
C LEU B 316 -23.27 -5.80 10.09
N LEU B 317 -22.24 -6.46 10.64
CA LEU B 317 -21.58 -7.54 9.91
C LEU B 317 -22.54 -8.68 9.64
N PHE B 318 -23.40 -9.00 10.61
CA PHE B 318 -24.32 -10.12 10.44
C PHE B 318 -25.37 -9.81 9.37
N LEU B 319 -25.91 -8.59 9.38
CA LEU B 319 -26.92 -8.23 8.40
C LEU B 319 -26.35 -8.24 6.99
N GLY B 320 -25.06 -7.89 6.85
CA GLY B 320 -24.44 -7.92 5.54
C GLY B 320 -24.05 -9.31 5.10
N ASN B 321 -23.32 -10.03 5.96
CA ASN B 321 -22.79 -11.33 5.58
C ASN B 321 -23.91 -12.32 5.26
N PHE B 322 -24.88 -12.46 6.16
CA PHE B 322 -25.97 -13.40 5.94
C PHE B 322 -26.78 -13.03 4.70
N PHE B 323 -26.84 -11.74 4.38
CA PHE B 323 -27.57 -11.31 3.20
C PHE B 323 -26.77 -11.56 1.92
N THR B 324 -25.50 -11.11 1.89
CA THR B 324 -24.70 -11.24 0.69
C THR B 324 -24.43 -12.70 0.35
N THR B 325 -24.17 -13.52 1.36
CA THR B 325 -23.94 -14.94 1.12
C THR B 325 -25.16 -15.59 0.47
N LEU B 326 -26.37 -15.14 0.84
CA LEU B 326 -27.57 -15.67 0.23
C LEU B 326 -27.65 -15.31 -1.26
N ARG B 327 -27.13 -14.14 -1.62
CA ARG B 327 -27.18 -13.73 -3.02
C ARG B 327 -26.31 -14.61 -3.90
N VAL B 328 -25.06 -14.85 -3.48
CA VAL B 328 -24.13 -15.61 -4.31
C VAL B 328 -24.61 -17.05 -4.45
N VAL B 329 -25.37 -17.54 -3.46
CA VAL B 329 -25.94 -18.88 -3.58
C VAL B 329 -27.14 -18.87 -4.53
N HIS B 330 -27.96 -17.82 -4.44
CA HIS B 330 -29.12 -17.70 -5.32
C HIS B 330 -28.70 -17.62 -6.77
N GLN B 331 -27.58 -16.94 -7.05
CA GLN B 331 -27.04 -16.93 -8.40
C GLN B 331 -26.49 -18.29 -8.78
N LYS B 332 -25.92 -19.01 -7.82
CA LYS B 332 -25.35 -20.33 -8.11
C LYS B 332 -26.44 -21.31 -8.50
N PHE B 333 -27.57 -21.31 -7.79
CA PHE B 333 -28.69 -22.17 -8.16
C PHE B 333 -29.30 -21.71 -9.48
N HIS B 334 -29.43 -20.40 -9.67
CA HIS B 334 -29.97 -19.88 -10.92
C HIS B 334 -29.06 -20.20 -12.10
N SER B 335 -27.75 -20.17 -11.88
CA SER B 335 -26.79 -20.46 -12.94
C SER B 335 -25.68 -21.38 -12.44
#